data_5BVO
#
_entry.id   5BVO
#
_cell.length_a   61.921
_cell.length_b   78.360
_cell.length_c   75.732
_cell.angle_alpha   90.000
_cell.angle_beta   90.000
_cell.angle_gamma   90.000
#
_symmetry.space_group_name_H-M   'P 21 21 21'
#
loop_
_entity.id
_entity.type
_entity.pdbx_description
1 polymer 'Epithelial discoidin domain-containing receptor 1'
2 non-polymer 'IODIDE ION'
3 non-polymer N-(5-{(1S)-1-[(5-fluoro-1,3-benzoxazol-2-yl)amino]ethyl}-2-methylphenyl)imidazo[1,2-a]pyridine-3-carboxamide
4 water water
#
_entity_poly.entity_id   1
_entity_poly.type   'polypeptide(L)'
_entity_poly.pdbx_seq_one_letter_code
;GAMGSAVGDGPPRVDFPRSRLRFKEKLGEGQFGEVHLCEVDSPQDLVSLDFPLNVRKGHPLLVAVKILRPDATKNARNDF
LKEVKIMSRLKDPNIIRLLGVCVQDDPLCMITDYMENGDLNQFLSAHQLEDKAAEGAPGDGQAAQGPTISYPMLLHVAAQ
IASGMRYLATLNFVHRDLATRNCLVGENFTIKIADFGMSRNLYAGDYYRVQGRAVLPIRWMAWECILMGKFTTASDVWAF
GVTLWEVLMLCRAQPFGQLTDEQVIENAGEFFRDQGRQVYLSRPPACPQGLYELMLRCWSRESEQRPPFSQLHRFLAEDA
LNTV
;
_entity_poly.pdbx_strand_id   A
#
# COMPACT_ATOMS: atom_id res chain seq x y z
N ASP A 15 -23.21 14.48 -11.82
CA ASP A 15 -21.85 14.24 -12.36
C ASP A 15 -20.75 14.77 -11.42
N PHE A 16 -20.63 14.28 -10.16
CA PHE A 16 -21.62 13.50 -9.40
C PHE A 16 -22.51 14.53 -8.68
N PRO A 17 -23.84 14.26 -8.55
CA PRO A 17 -24.69 15.23 -7.84
C PRO A 17 -24.28 15.46 -6.36
N ARG A 18 -23.57 16.57 -6.13
CA ARG A 18 -23.01 16.95 -4.82
C ARG A 18 -24.06 17.07 -3.70
N SER A 19 -25.29 17.42 -4.09
CA SER A 19 -26.41 17.55 -3.15
C SER A 19 -26.94 16.20 -2.64
N ARG A 20 -26.65 15.13 -3.37
CA ARG A 20 -27.00 13.77 -2.93
C ARG A 20 -26.12 13.25 -1.77
N LEU A 21 -25.04 13.98 -1.48
CA LEU A 21 -24.10 13.67 -0.40
C LEU A 21 -24.51 14.24 0.96
N ARG A 22 -24.39 13.41 1.99
CA ARG A 22 -24.71 13.78 3.37
C ARG A 22 -23.50 13.47 4.26
N PHE A 23 -22.80 14.52 4.65
CA PHE A 23 -21.53 14.42 5.39
C PHE A 23 -21.79 14.03 6.85
N LYS A 24 -21.11 12.97 7.30
CA LYS A 24 -21.43 12.33 8.58
C LYS A 24 -20.30 12.43 9.61
N GLU A 25 -19.13 11.92 9.25
CA GLU A 25 -17.97 11.95 10.14
C GLU A 25 -16.69 12.14 9.37
N LYS A 26 -15.68 12.70 10.03
CA LYS A 26 -14.35 12.84 9.45
C LYS A 26 -13.55 11.55 9.67
N LEU A 27 -12.95 11.05 8.60
CA LEU A 27 -12.23 9.77 8.66
C LEU A 27 -10.73 9.96 8.80
N GLY A 28 -10.21 11.08 8.30
CA GLY A 28 -8.79 11.38 8.42
C GLY A 28 -8.35 12.62 7.70
N GLU A 29 -7.05 12.66 7.36
CA GLU A 29 -6.40 13.78 6.65
C GLU A 29 -5.16 13.28 5.89
N PHE A 32 -3.09 18.35 2.91
CA PHE A 32 -3.58 18.18 1.55
C PHE A 32 -5.11 18.15 1.47
N GLY A 33 -5.74 17.05 1.91
CA GLY A 33 -7.20 16.89 1.83
C GLY A 33 -7.87 15.97 2.83
N GLU A 34 -8.88 16.50 3.53
CA GLU A 34 -9.79 15.74 4.40
C GLU A 34 -10.55 14.60 3.67
N VAL A 35 -10.84 13.51 4.40
CA VAL A 35 -11.70 12.42 3.91
C VAL A 35 -12.88 12.27 4.88
N HIS A 36 -14.09 12.24 4.32
CA HIS A 36 -15.32 12.11 5.12
C HIS A 36 -16.15 10.89 4.75
N LEU A 37 -16.70 10.24 5.77
CA LEU A 37 -17.81 9.30 5.60
C LEU A 37 -19.09 10.07 5.26
N CYS A 38 -19.71 9.69 4.13
CA CYS A 38 -20.97 10.28 3.70
C CYS A 38 -22.03 9.20 3.42
N GLU A 39 -23.28 9.63 3.51
CA GLU A 39 -24.43 8.82 3.12
C GLU A 39 -25.00 9.33 1.79
N VAL A 40 -25.46 8.39 0.97
CA VAL A 40 -26.14 8.68 -0.29
C VAL A 40 -27.53 8.01 -0.25
N ASP A 41 -28.58 8.81 -0.43
CA ASP A 41 -29.99 8.38 -0.30
C ASP A 41 -30.47 7.35 -1.35
N SER A 42 -29.77 7.28 -2.49
CA SER A 42 -30.09 6.44 -3.65
C SER A 42 -31.51 6.63 -4.18
N HIS A 59 -31.13 3.17 1.03
CA HIS A 59 -30.82 4.30 1.92
C HIS A 59 -29.55 4.19 2.80
N PRO A 60 -29.24 2.98 3.38
CA PRO A 60 -28.01 2.93 4.19
C PRO A 60 -26.72 2.83 3.35
N LEU A 61 -26.59 3.65 2.30
CA LEU A 61 -25.42 3.61 1.41
C LEU A 61 -24.29 4.57 1.82
N LEU A 62 -23.14 4.00 2.15
CA LEU A 62 -22.00 4.75 2.65
C LEU A 62 -20.86 4.79 1.62
N VAL A 63 -20.27 5.98 1.47
CA VAL A 63 -19.09 6.21 0.61
C VAL A 63 -18.04 7.05 1.37
N ALA A 64 -16.80 7.04 0.88
CA ALA A 64 -15.75 7.95 1.36
C ALA A 64 -15.62 9.11 0.37
N VAL A 65 -15.51 10.32 0.90
CA VAL A 65 -15.40 11.50 0.06
C VAL A 65 -14.19 12.32 0.49
N LYS A 66 -13.24 12.45 -0.44
CA LYS A 66 -12.06 13.27 -0.24
C LYS A 66 -12.30 14.69 -0.77
N ILE A 67 -12.10 15.69 0.09
CA ILE A 67 -12.27 17.10 -0.30
C ILE A 67 -10.98 17.90 -0.15
N LEU A 68 -10.68 18.74 -1.15
CA LEU A 68 -9.58 19.71 -1.04
C LEU A 68 -9.77 20.61 0.18
N ARG A 69 -8.67 20.88 0.90
CA ARG A 69 -8.64 21.84 1.99
C ARG A 69 -9.06 23.23 1.50
N PRO A 70 -9.79 24.01 2.34
CA PRO A 70 -10.26 25.34 1.93
C PRO A 70 -9.14 26.26 1.40
N ASP A 71 -7.97 26.19 2.02
CA ASP A 71 -6.81 27.02 1.62
C ASP A 71 -5.80 26.33 0.68
N ALA A 72 -6.23 25.28 -0.02
CA ALA A 72 -5.34 24.56 -0.93
C ALA A 72 -4.68 25.47 -1.95
N THR A 73 -3.37 25.31 -2.13
CA THR A 73 -2.60 26.05 -3.12
C THR A 73 -2.97 25.59 -4.54
N LYS A 74 -2.59 26.39 -5.55
CA LYS A 74 -2.79 26.02 -6.95
C LYS A 74 -2.10 24.68 -7.25
N ASN A 75 -0.93 24.46 -6.65
CA ASN A 75 -0.18 23.21 -6.79
C ASN A 75 -0.93 22.00 -6.24
N ALA A 76 -1.54 22.14 -5.05
CA ALA A 76 -2.38 21.10 -4.45
C ALA A 76 -3.59 20.73 -5.32
N ARG A 77 -4.26 21.74 -5.87
CA ARG A 77 -5.42 21.56 -6.75
C ARG A 77 -5.03 20.76 -8.00
N ASN A 78 -3.90 21.13 -8.62
CA ASN A 78 -3.37 20.43 -9.79
C ASN A 78 -3.09 18.94 -9.48
N ASP A 79 -2.42 18.70 -8.35
CA ASP A 79 -2.15 17.34 -7.88
C ASP A 79 -3.41 16.52 -7.64
N PHE A 80 -4.45 17.17 -7.12
CA PHE A 80 -5.75 16.57 -6.84
C PHE A 80 -6.43 16.16 -8.15
N LEU A 81 -6.43 17.07 -9.12
CA LEU A 81 -6.96 16.77 -10.45
C LEU A 81 -6.22 15.62 -11.12
N LYS A 82 -4.91 15.54 -10.92
CA LYS A 82 -4.13 14.41 -11.46
C LYS A 82 -4.43 13.10 -10.75
N GLU A 83 -4.66 13.16 -9.44
CA GLU A 83 -5.01 11.96 -8.67
C GLU A 83 -6.30 11.39 -9.24
N VAL A 84 -7.31 12.25 -9.45
CA VAL A 84 -8.55 11.88 -10.13
C VAL A 84 -8.29 11.13 -11.45
N LYS A 85 -7.41 11.69 -12.30
CA LYS A 85 -7.11 11.13 -13.62
C LYS A 85 -6.45 9.75 -13.52
N ILE A 86 -5.43 9.64 -12.68
CA ILE A 86 -4.71 8.39 -12.39
C ILE A 86 -5.73 7.36 -11.87
N MET A 87 -6.48 7.73 -10.84
CA MET A 87 -7.51 6.85 -10.24
C MET A 87 -8.55 6.33 -11.21
N SER A 88 -8.95 7.17 -12.17
CA SER A 88 -9.98 6.79 -13.15
C SER A 88 -9.54 5.61 -14.05
N ARG A 89 -8.23 5.37 -14.13
CA ARG A 89 -7.65 4.22 -14.85
C ARG A 89 -7.93 2.88 -14.17
N LEU A 90 -8.15 2.92 -12.85
CA LEU A 90 -8.04 1.70 -12.02
C LEU A 90 -9.37 1.05 -11.68
N LYS A 91 -9.59 -0.13 -12.24
CA LYS A 91 -10.87 -0.84 -12.15
C LYS A 91 -10.65 -2.31 -11.83
N ASP A 92 -10.46 -2.62 -10.54
CA ASP A 92 -10.19 -4.00 -10.11
C ASP A 92 -10.76 -4.18 -8.69
N PRO A 93 -11.31 -5.38 -8.37
CA PRO A 93 -11.80 -5.63 -6.99
C PRO A 93 -10.81 -5.29 -5.84
N ASN A 94 -9.51 -5.41 -6.09
CA ASN A 94 -8.50 -5.19 -5.04
C ASN A 94 -7.68 -3.89 -5.21
N ILE A 95 -8.24 -2.94 -5.96
CA ILE A 95 -7.70 -1.58 -6.08
C ILE A 95 -8.82 -0.63 -5.66
N ILE A 96 -8.45 0.44 -4.95
CA ILE A 96 -9.37 1.55 -4.68
C ILE A 96 -10.12 1.93 -5.99
N ARG A 97 -11.42 2.18 -5.88
CA ARG A 97 -12.22 2.51 -7.07
C ARG A 97 -12.84 3.89 -6.95
N LEU A 98 -12.62 4.71 -7.99
CA LEU A 98 -13.27 6.00 -8.10
C LEU A 98 -14.71 5.79 -8.51
N LEU A 99 -15.61 6.09 -7.59
CA LEU A 99 -17.05 5.95 -7.80
C LEU A 99 -17.65 7.20 -8.45
N GLY A 100 -17.09 8.36 -8.14
CA GLY A 100 -17.59 9.63 -8.66
C GLY A 100 -16.73 10.81 -8.32
N VAL A 101 -17.06 11.94 -8.94
CA VAL A 101 -16.25 13.14 -8.84
C VAL A 101 -17.14 14.40 -8.83
N CYS A 102 -16.67 15.44 -8.14
CA CYS A 102 -17.29 16.76 -8.18
C CYS A 102 -16.20 17.80 -8.48
N VAL A 103 -15.89 17.97 -9.76
CA VAL A 103 -14.79 18.86 -10.20
C VAL A 103 -15.24 20.12 -10.96
N GLN A 104 -16.47 20.10 -11.48
CA GLN A 104 -17.04 21.25 -12.21
C GLN A 104 -17.50 22.41 -11.30
N ASP A 105 -17.18 22.30 -10.01
CA ASP A 105 -17.56 23.26 -8.97
C ASP A 105 -16.65 23.08 -7.75
N ASP A 106 -16.50 24.15 -6.96
CA ASP A 106 -15.66 24.16 -5.75
C ASP A 106 -16.43 23.92 -4.44
N PRO A 107 -15.86 23.17 -3.48
CA PRO A 107 -14.55 22.55 -3.60
C PRO A 107 -14.60 21.20 -4.34
N LEU A 108 -13.43 20.73 -4.79
CA LEU A 108 -13.35 19.49 -5.57
C LEU A 108 -13.52 18.27 -4.66
N CYS A 109 -14.29 17.30 -5.13
CA CYS A 109 -14.51 16.04 -4.40
C CYS A 109 -14.17 14.82 -5.24
N MET A 110 -13.59 13.82 -4.56
CA MET A 110 -13.38 12.46 -5.08
C MET A 110 -14.20 11.51 -4.21
N ILE A 111 -14.90 10.55 -4.83
CA ILE A 111 -15.76 9.60 -4.12
C ILE A 111 -15.29 8.17 -4.36
N THR A 112 -14.99 7.45 -3.27
CA THR A 112 -14.67 6.01 -3.31
C THR A 112 -15.63 5.16 -2.46
N ASP A 113 -15.46 3.84 -2.56
CA ASP A 113 -15.98 2.87 -1.58
C ASP A 113 -15.58 3.26 -0.16
N TYR A 114 -16.47 3.08 0.80
CA TYR A 114 -16.10 3.20 2.22
C TYR A 114 -15.55 1.87 2.72
N MET A 115 -14.32 1.89 3.22
CA MET A 115 -13.67 0.70 3.75
C MET A 115 -13.67 0.71 5.29
N GLU A 116 -14.73 0.12 5.86
CA GLU A 116 -15.07 0.12 7.30
C GLU A 116 -13.90 0.01 8.28
N ASN A 117 -12.94 -0.84 7.96
CA ASN A 117 -11.87 -1.18 8.89
C ASN A 117 -10.60 -0.34 8.74
N GLY A 118 -10.64 0.67 7.88
CA GLY A 118 -9.54 1.62 7.70
C GLY A 118 -8.29 0.99 7.17
N ASP A 119 -7.13 1.54 7.51
CA ASP A 119 -5.89 1.04 6.89
C ASP A 119 -5.40 -0.27 7.49
N LEU A 120 -4.76 -1.07 6.64
CA LEU A 120 -4.32 -2.43 6.95
C LEU A 120 -3.32 -2.49 8.09
N ASN A 121 -2.43 -1.49 8.16
CA ASN A 121 -1.42 -1.42 9.22
C ASN A 121 -2.08 -1.28 10.59
N GLN A 122 -2.99 -0.30 10.73
CA GLN A 122 -3.76 -0.11 11.97
C GLN A 122 -4.62 -1.36 12.27
N PHE A 123 -5.23 -1.94 11.23
CA PHE A 123 -6.09 -3.13 11.35
C PHE A 123 -5.31 -4.32 11.95
N LEU A 124 -4.19 -4.67 11.32
CA LEU A 124 -3.38 -5.83 11.76
C LEU A 124 -2.78 -5.66 13.16
N SER A 125 -2.33 -4.43 13.44
CA SER A 125 -1.85 -3.98 14.76
C SER A 125 -2.81 -4.27 15.89
N ALA A 126 -4.11 -4.19 15.61
CA ALA A 126 -5.11 -4.44 16.65
C ALA A 126 -5.43 -5.93 16.82
N HIS A 127 -4.82 -6.79 15.98
CA HIS A 127 -5.02 -8.25 16.05
C HIS A 127 -3.78 -9.01 16.53
N GLN A 128 -4.02 -10.16 17.16
CA GLN A 128 -2.99 -11.17 17.49
C GLN A 128 -3.22 -12.45 16.68
N LEU A 129 -2.13 -13.15 16.36
CA LEU A 129 -2.25 -14.47 15.73
C LEU A 129 -3.02 -15.45 16.62
N GLU A 130 -4.03 -16.08 16.02
CA GLU A 130 -4.82 -17.10 16.72
C GLU A 130 -3.87 -18.14 17.32
N ASP A 131 -4.11 -18.49 18.58
CA ASP A 131 -3.32 -19.49 19.32
C ASP A 131 -3.93 -20.87 19.14
N LYS A 132 -3.05 -21.86 18.94
CA LYS A 132 -3.35 -23.30 18.74
C LYS A 132 -3.66 -23.61 17.28
N PRO A 147 -9.04 -9.35 19.62
CA PRO A 147 -9.37 -9.80 18.28
C PRO A 147 -8.22 -10.62 17.71
N THR A 148 -8.55 -11.74 17.07
CA THR A 148 -7.53 -12.63 16.52
C THR A 148 -7.68 -12.73 15.02
N ILE A 149 -6.57 -13.08 14.38
CA ILE A 149 -6.52 -13.40 12.96
C ILE A 149 -5.72 -14.69 12.76
N SER A 150 -6.18 -15.55 11.87
CA SER A 150 -5.52 -16.84 11.63
C SER A 150 -4.46 -16.71 10.55
N TYR A 151 -3.52 -17.66 10.56
CA TYR A 151 -2.52 -17.77 9.51
C TYR A 151 -3.14 -17.85 8.09
N PRO A 152 -4.13 -18.75 7.84
CA PRO A 152 -4.75 -18.74 6.50
C PRO A 152 -5.42 -17.42 6.09
N MET A 153 -5.98 -16.70 7.05
CA MET A 153 -6.53 -15.37 6.78
C MET A 153 -5.42 -14.40 6.39
N LEU A 154 -4.25 -14.50 7.03
CA LEU A 154 -3.10 -13.69 6.61
C LEU A 154 -2.73 -13.98 5.15
N LEU A 155 -2.78 -15.25 4.73
CA LEU A 155 -2.49 -15.60 3.35
C LEU A 155 -3.53 -15.01 2.39
N HIS A 156 -4.78 -15.01 2.81
CA HIS A 156 -5.88 -14.47 2.01
C HIS A 156 -5.75 -12.96 1.82
N VAL A 157 -5.35 -12.26 2.88
CA VAL A 157 -5.00 -10.84 2.83
C VAL A 157 -3.88 -10.60 1.80
N ALA A 158 -2.81 -11.37 1.91
CA ALA A 158 -1.65 -11.24 1.03
C ALA A 158 -1.99 -11.58 -0.44
N ALA A 159 -2.82 -12.60 -0.66
CA ALA A 159 -3.21 -13.02 -2.02
C ALA A 159 -4.00 -11.90 -2.71
N GLN A 160 -4.88 -11.24 -1.94
CA GLN A 160 -5.66 -10.11 -2.47
C GLN A 160 -4.76 -8.94 -2.92
N ILE A 161 -3.77 -8.59 -2.09
CA ILE A 161 -2.74 -7.60 -2.48
C ILE A 161 -2.03 -8.04 -3.76
N ALA A 162 -1.59 -9.32 -3.82
CA ALA A 162 -0.93 -9.83 -5.04
C ALA A 162 -1.85 -9.72 -6.27
N SER A 163 -3.12 -10.06 -6.11
CA SER A 163 -4.08 -9.97 -7.23
C SER A 163 -4.24 -8.50 -7.71
N GLY A 164 -4.31 -7.55 -6.77
CA GLY A 164 -4.41 -6.13 -7.12
C GLY A 164 -3.17 -5.68 -7.87
N MET A 165 -2.01 -6.11 -7.40
CA MET A 165 -0.73 -5.79 -8.07
C MET A 165 -0.61 -6.48 -9.44
N ARG A 166 -1.11 -7.72 -9.54
CA ARG A 166 -1.21 -8.43 -10.83
C ARG A 166 -1.99 -7.57 -11.85
N TYR A 167 -3.12 -7.03 -11.42
CA TYR A 167 -3.88 -6.14 -12.28
C TYR A 167 -3.03 -4.92 -12.72
N LEU A 168 -2.39 -4.26 -11.75
CA LEU A 168 -1.56 -3.06 -12.06
C LEU A 168 -0.46 -3.34 -13.11
N ALA A 169 0.30 -4.42 -12.90
CA ALA A 169 1.25 -4.94 -13.90
C ALA A 169 0.69 -5.05 -15.30
N THR A 170 -0.56 -5.52 -15.45
CA THR A 170 -1.20 -5.63 -16.79
C THR A 170 -1.35 -4.26 -17.47
N LEU A 171 -1.50 -3.20 -16.67
CA LEU A 171 -1.61 -1.84 -17.19
C LEU A 171 -0.24 -1.18 -17.38
N ASN A 172 0.83 -1.88 -16.99
CA ASN A 172 2.19 -1.32 -16.89
C ASN A 172 2.19 -0.11 -15.97
N PHE A 173 1.44 -0.24 -14.87
CA PHE A 173 1.35 0.83 -13.91
C PHE A 173 2.22 0.47 -12.72
N VAL A 174 3.13 1.38 -12.36
CA VAL A 174 4.05 1.14 -11.25
C VAL A 174 3.49 1.96 -10.07
N HIS A 175 3.24 1.28 -8.96
CA HIS A 175 2.66 1.92 -7.78
C HIS A 175 3.69 2.82 -7.10
N ARG A 176 4.89 2.28 -6.87
CA ARG A 176 6.05 3.02 -6.28
C ARG A 176 6.09 3.14 -4.75
N ASP A 177 4.99 2.81 -4.07
CA ASP A 177 4.88 2.99 -2.60
C ASP A 177 3.95 1.92 -1.99
N LEU A 178 4.13 0.66 -2.41
CA LEU A 178 3.34 -0.43 -1.83
C LEU A 178 3.82 -0.70 -0.39
N ALA A 179 2.88 -0.76 0.54
CA ALA A 179 3.14 -0.99 1.98
C ALA A 179 1.78 -1.16 2.65
N THR A 180 1.74 -1.71 3.87
CA THR A 180 0.42 -1.99 4.49
C THR A 180 -0.34 -0.69 4.79
N ARG A 181 0.41 0.38 5.10
CA ARG A 181 -0.15 1.71 5.34
C ARG A 181 -0.96 2.24 4.15
N ASN A 182 -0.69 1.75 2.93
CA ASN A 182 -1.43 2.19 1.73
C ASN A 182 -2.57 1.30 1.30
N CYS A 183 -2.92 0.31 2.14
CA CYS A 183 -4.04 -0.61 1.84
C CYS A 183 -5.17 -0.35 2.81
N LEU A 184 -6.40 -0.55 2.34
CA LEU A 184 -7.59 -0.34 3.16
C LEU A 184 -8.35 -1.67 3.31
N VAL A 185 -9.08 -1.81 4.42
CA VAL A 185 -9.76 -3.08 4.75
C VAL A 185 -11.25 -2.78 4.88
N GLY A 186 -12.06 -3.50 4.09
CA GLY A 186 -13.50 -3.38 4.17
C GLY A 186 -14.10 -4.49 5.01
N GLU A 187 -15.34 -4.83 4.71
CA GLU A 187 -16.04 -5.96 5.37
C GLU A 187 -15.39 -7.27 4.96
N ASN A 188 -15.45 -8.27 5.84
CA ASN A 188 -14.93 -9.62 5.57
C ASN A 188 -13.49 -9.71 5.04
N PHE A 189 -12.59 -8.95 5.67
CA PHE A 189 -11.15 -8.93 5.33
C PHE A 189 -10.87 -8.62 3.83
N THR A 190 -11.74 -7.85 3.18
CA THR A 190 -11.51 -7.46 1.78
C THR A 190 -10.50 -6.30 1.76
N ILE A 191 -9.56 -6.36 0.82
CA ILE A 191 -8.44 -5.44 0.76
C ILE A 191 -8.50 -4.65 -0.53
N LYS A 192 -8.31 -3.32 -0.43
CA LYS A 192 -8.08 -2.49 -1.61
C LYS A 192 -6.79 -1.72 -1.49
N ILE A 193 -5.92 -1.86 -2.50
CA ILE A 193 -4.69 -1.05 -2.58
C ILE A 193 -5.03 0.39 -2.94
N ALA A 194 -4.44 1.33 -2.19
CA ALA A 194 -4.56 2.76 -2.50
C ALA A 194 -3.15 3.38 -2.46
N ASP A 195 -3.11 4.71 -2.51
CA ASP A 195 -1.87 5.48 -2.37
C ASP A 195 -2.19 6.81 -1.70
N PHE A 196 -1.91 6.88 -0.39
CA PHE A 196 -2.23 8.06 0.41
C PHE A 196 -1.19 9.18 0.29
N GLY A 197 -0.12 8.93 -0.45
CA GLY A 197 0.99 9.88 -0.50
C GLY A 197 1.89 9.72 0.72
N MET A 198 2.85 10.61 0.85
CA MET A 198 3.99 10.42 1.74
C MET A 198 4.01 11.41 2.93
N SER A 199 2.92 12.15 3.12
CA SER A 199 2.93 13.29 4.06
C SER A 199 2.27 13.12 5.44
N ARG A 200 1.45 12.09 5.63
CA ARG A 200 0.74 11.88 6.92
C ARG A 200 1.70 11.75 8.09
N ASN A 201 1.40 12.46 9.18
CA ASN A 201 2.23 12.43 10.38
C ASN A 201 2.43 11.00 10.94
N LEU A 202 1.37 10.20 10.92
CA LEU A 202 1.41 8.83 11.48
C LEU A 202 2.54 7.97 10.90
N TYR A 203 2.80 8.09 9.60
CA TYR A 203 3.82 7.27 8.96
C TYR A 203 5.10 8.04 8.57
N ALA A 204 5.29 9.22 9.18
CA ALA A 204 6.47 10.05 8.92
C ALA A 204 7.76 9.23 8.93
N GLY A 205 7.95 8.41 9.95
CA GLY A 205 9.15 7.59 10.11
C GLY A 205 9.42 6.55 9.03
N ASP A 206 8.43 6.27 8.17
CA ASP A 206 8.59 5.36 7.05
C ASP A 206 9.22 5.98 5.80
N TYR A 207 9.52 7.27 5.85
CA TYR A 207 10.03 8.02 4.70
C TYR A 207 11.32 8.76 5.02
N TYR A 208 12.29 8.65 4.12
CA TYR A 208 13.58 9.33 4.23
C TYR A 208 13.51 10.67 3.50
N ARG A 209 13.85 11.74 4.23
CA ARG A 209 13.70 13.11 3.74
C ARG A 209 15.03 13.84 3.72
N VAL A 210 15.42 14.28 2.53
CA VAL A 210 16.53 15.21 2.34
C VAL A 210 15.94 16.40 1.62
N GLN A 211 16.36 17.59 2.07
CA GLN A 211 15.92 18.87 1.52
C GLN A 211 16.15 18.88 0.01
N GLY A 212 15.10 19.21 -0.75
CA GLY A 212 15.20 19.32 -2.21
C GLY A 212 15.22 18.03 -3.00
N ARG A 213 15.09 16.90 -2.30
CA ARG A 213 15.04 15.57 -2.94
C ARG A 213 13.66 14.97 -2.80
N ALA A 214 13.34 13.99 -3.66
CA ALA A 214 12.13 13.20 -3.51
C ALA A 214 12.12 12.53 -2.12
N VAL A 215 10.93 12.42 -1.53
CA VAL A 215 10.70 11.72 -0.26
C VAL A 215 10.70 10.23 -0.61
N LEU A 216 11.45 9.43 0.15
CA LEU A 216 11.73 8.02 -0.23
C LEU A 216 11.37 7.03 0.87
N PRO A 217 10.46 6.05 0.58
CA PRO A 217 10.14 4.97 1.51
C PRO A 217 11.21 3.87 1.50
N ILE A 218 12.41 4.22 1.95
CA ILE A 218 13.63 3.41 1.74
C ILE A 218 13.57 1.99 2.26
N ARG A 219 12.84 1.77 3.36
CA ARG A 219 12.75 0.45 3.97
C ARG A 219 11.92 -0.55 3.15
N TRP A 220 11.20 -0.07 2.12
CA TRP A 220 10.38 -0.89 1.22
C TRP A 220 10.97 -0.96 -0.19
N MET A 221 12.08 -0.24 -0.40
CA MET A 221 12.64 0.00 -1.73
C MET A 221 13.75 -1.00 -2.13
N ALA A 222 13.65 -1.51 -3.35
CA ALA A 222 14.69 -2.35 -3.96
C ALA A 222 16.01 -1.61 -3.99
N TRP A 223 17.12 -2.34 -3.93
CA TRP A 223 18.43 -1.71 -3.89
C TRP A 223 18.67 -0.74 -5.07
N GLU A 224 18.19 -1.10 -6.26
CA GLU A 224 18.35 -0.26 -7.44
C GLU A 224 17.54 1.05 -7.35
N CYS A 225 16.41 1.02 -6.63
CA CYS A 225 15.61 2.22 -6.39
C CYS A 225 16.36 3.18 -5.49
N ILE A 226 16.97 2.65 -4.43
CA ILE A 226 17.75 3.47 -3.49
C ILE A 226 18.95 4.12 -4.19
N LEU A 227 19.66 3.34 -5.02
CA LEU A 227 20.87 3.87 -5.66
C LEU A 227 20.58 4.79 -6.84
N MET A 228 19.52 4.51 -7.58
CA MET A 228 19.24 5.22 -8.84
C MET A 228 17.89 5.93 -8.92
N GLY A 229 17.11 5.88 -7.85
CA GLY A 229 15.85 6.65 -7.75
C GLY A 229 14.78 6.44 -8.81
N LYS A 230 14.79 5.29 -9.49
CA LYS A 230 13.72 4.94 -10.44
C LYS A 230 13.01 3.66 -10.02
N PHE A 231 11.79 3.48 -10.54
CA PHE A 231 10.87 2.45 -10.03
C PHE A 231 10.28 1.65 -11.20
N THR A 232 10.08 0.35 -10.98
CA THR A 232 9.56 -0.55 -12.04
C THR A 232 8.60 -1.53 -11.39
N THR A 233 7.88 -2.31 -12.22
CA THR A 233 7.12 -3.44 -11.70
C THR A 233 8.00 -4.35 -10.85
N ALA A 234 9.24 -4.57 -11.28
CA ALA A 234 10.19 -5.40 -10.51
C ALA A 234 10.52 -4.85 -9.10
N SER A 235 10.59 -3.53 -8.95
CA SER A 235 10.72 -2.92 -7.61
C SER A 235 9.41 -2.94 -6.86
N ASP A 236 8.27 -2.87 -7.56
CA ASP A 236 6.99 -3.15 -6.90
C ASP A 236 6.94 -4.56 -6.28
N VAL A 237 7.51 -5.56 -6.98
CA VAL A 237 7.61 -6.94 -6.45
C VAL A 237 8.41 -6.96 -5.14
N TRP A 238 9.55 -6.26 -5.14
CA TRP A 238 10.39 -6.17 -3.94
C TRP A 238 9.58 -5.54 -2.78
N ALA A 239 8.88 -4.44 -3.06
CA ALA A 239 8.01 -3.81 -2.04
C ALA A 239 6.88 -4.75 -1.60
N PHE A 240 6.39 -5.58 -2.52
CA PHE A 240 5.41 -6.61 -2.14
C PHE A 240 6.00 -7.62 -1.14
N GLY A 241 7.24 -8.05 -1.36
CA GLY A 241 7.93 -8.93 -0.40
C GLY A 241 7.96 -8.32 1.01
N VAL A 242 8.27 -7.02 1.07
CA VAL A 242 8.33 -6.28 2.34
C VAL A 242 6.94 -6.13 2.98
N THR A 243 5.94 -5.85 2.15
CA THR A 243 4.54 -5.75 2.56
C THR A 243 4.01 -7.09 3.13
N LEU A 244 4.38 -8.18 2.47
CA LEU A 244 4.07 -9.53 2.94
C LEU A 244 4.76 -9.84 4.27
N TRP A 245 6.02 -9.41 4.39
CA TRP A 245 6.72 -9.46 5.68
C TRP A 245 5.91 -8.71 6.76
N GLU A 246 5.43 -7.49 6.46
CA GLU A 246 4.61 -6.74 7.42
C GLU A 246 3.37 -7.50 7.85
N VAL A 247 2.65 -8.09 6.88
CA VAL A 247 1.42 -8.85 7.17
C VAL A 247 1.69 -10.01 8.15
N LEU A 248 2.72 -10.78 7.85
CA LEU A 248 3.08 -11.92 8.65
C LEU A 248 3.65 -11.54 10.02
N MET A 249 4.11 -10.30 10.14
CA MET A 249 4.54 -9.68 11.40
C MET A 249 3.35 -9.08 12.15
N LEU A 250 2.18 -9.08 11.51
CA LEU A 250 1.01 -8.35 12.00
C LEU A 250 1.36 -6.86 12.33
N CYS A 251 2.22 -6.28 11.48
CA CYS A 251 2.62 -4.87 11.57
C CYS A 251 3.20 -4.48 12.97
N ARG A 252 3.94 -5.39 13.61
CA ARG A 252 4.48 -5.15 14.97
C ARG A 252 5.81 -4.41 14.99
N ALA A 253 6.48 -4.28 13.84
CA ALA A 253 7.80 -3.64 13.79
C ALA A 253 8.08 -3.12 12.42
N GLN A 254 8.74 -1.96 12.36
CA GLN A 254 9.14 -1.38 11.09
C GLN A 254 10.16 -2.31 10.39
N PRO A 255 10.10 -2.45 9.04
CA PRO A 255 11.16 -3.22 8.37
C PRO A 255 12.54 -2.63 8.71
N PHE A 256 13.50 -3.50 9.03
CA PHE A 256 14.86 -3.05 9.42
C PHE A 256 14.81 -2.08 10.61
N GLY A 257 13.84 -2.30 11.50
CA GLY A 257 13.54 -1.34 12.57
C GLY A 257 14.67 -1.03 13.53
N GLN A 258 15.63 -1.94 13.67
CA GLN A 258 16.77 -1.74 14.57
C GLN A 258 17.98 -1.09 13.88
N LEU A 259 17.82 -0.76 12.60
CA LEU A 259 18.86 -0.10 11.79
C LEU A 259 18.44 1.34 11.45
N THR A 260 19.43 2.23 11.42
CA THR A 260 19.18 3.63 10.99
C THR A 260 18.88 3.74 9.48
N ASP A 261 18.34 4.90 9.08
CA ASP A 261 18.05 5.17 7.65
C ASP A 261 19.31 5.02 6.81
N GLU A 262 20.42 5.53 7.35
CA GLU A 262 21.73 5.53 6.70
C GLU A 262 22.24 4.10 6.54
N GLN A 263 21.96 3.25 7.52
CA GLN A 263 22.28 1.80 7.44
C GLN A 263 21.46 1.08 6.35
N VAL A 264 20.19 1.44 6.22
CA VAL A 264 19.31 0.89 5.19
C VAL A 264 19.81 1.27 3.77
N ILE A 265 20.31 2.51 3.64
CA ILE A 265 20.90 3.00 2.40
C ILE A 265 22.22 2.31 2.07
N GLU A 266 23.12 2.19 3.06
CA GLU A 266 24.34 1.41 2.87
C GLU A 266 24.07 -0.07 2.51
N ASN A 267 22.98 -0.64 3.04
CA ASN A 267 22.56 -2.02 2.67
C ASN A 267 22.28 -2.17 1.17
N ALA A 268 21.65 -1.16 0.54
CA ALA A 268 21.48 -1.14 -0.91
C ALA A 268 22.82 -1.19 -1.63
N GLY A 269 23.83 -0.49 -1.08
CA GLY A 269 25.20 -0.49 -1.62
C GLY A 269 25.82 -1.88 -1.57
N GLU A 270 25.44 -2.64 -0.56
CA GLU A 270 25.98 -3.98 -0.37
C GLU A 270 25.32 -4.99 -1.33
N PHE A 271 24.04 -4.80 -1.62
CA PHE A 271 23.37 -5.52 -2.72
C PHE A 271 24.07 -5.31 -4.05
N PHE A 272 24.41 -4.05 -4.35
CA PHE A 272 25.11 -3.68 -5.58
C PHE A 272 26.45 -4.42 -5.68
N ARG A 273 27.28 -4.29 -4.64
CA ARG A 273 28.61 -4.91 -4.60
C ARG A 273 28.56 -6.44 -4.61
N ASP A 274 27.50 -7.02 -4.06
CA ASP A 274 27.23 -8.47 -4.10
C ASP A 274 28.40 -9.32 -3.57
N GLN A 275 28.92 -8.94 -2.41
CA GLN A 275 30.01 -9.65 -1.77
C GLN A 275 29.50 -10.49 -0.60
N GLY A 276 28.19 -10.71 -0.56
CA GLY A 276 27.54 -11.48 0.50
C GLY A 276 27.48 -10.78 1.84
N ARG A 277 27.46 -9.44 1.83
CA ARG A 277 27.32 -8.67 3.08
C ARG A 277 25.94 -8.00 3.23
N GLN A 278 25.08 -8.12 2.21
CA GLN A 278 23.71 -7.57 2.29
C GLN A 278 22.96 -8.31 3.37
N VAL A 279 21.98 -7.62 3.91
CA VAL A 279 21.23 -8.07 5.04
C VAL A 279 19.73 -8.04 4.66
N TYR A 280 18.98 -9.00 5.20
CA TYR A 280 17.56 -9.20 4.86
C TYR A 280 16.66 -9.10 6.09
N LEU A 281 15.39 -8.76 5.85
CA LEU A 281 14.33 -8.98 6.84
C LEU A 281 14.34 -10.45 7.31
N SER A 282 14.26 -10.64 8.62
CA SER A 282 14.25 -11.99 9.21
C SER A 282 12.89 -12.63 9.02
N ARG A 283 12.84 -13.95 9.12
CA ARG A 283 11.58 -14.71 9.03
C ARG A 283 10.67 -14.37 10.23
N PRO A 284 9.47 -13.83 9.96
CA PRO A 284 8.49 -13.58 11.02
C PRO A 284 8.08 -14.84 11.78
N PRO A 285 7.76 -14.71 13.09
CA PRO A 285 7.26 -15.82 13.88
C PRO A 285 6.15 -16.63 13.20
N ALA A 286 5.18 -15.95 12.56
CA ALA A 286 4.00 -16.60 11.98
C ALA A 286 4.22 -17.19 10.56
N CYS A 287 5.42 -16.96 10.00
CA CYS A 287 5.77 -17.31 8.63
C CYS A 287 6.56 -18.63 8.54
N PRO A 288 6.03 -19.67 7.87
CA PRO A 288 6.85 -20.88 7.72
C PRO A 288 7.95 -20.68 6.66
N GLN A 289 8.96 -21.55 6.65
CA GLN A 289 10.13 -21.42 5.78
C GLN A 289 9.80 -21.31 4.27
N GLY A 290 8.82 -22.07 3.80
CA GLY A 290 8.42 -22.07 2.39
C GLY A 290 7.94 -20.71 1.93
N LEU A 291 7.12 -20.07 2.76
CA LEU A 291 6.64 -18.72 2.49
C LEU A 291 7.71 -17.63 2.62
N TYR A 292 8.63 -17.79 3.58
CA TYR A 292 9.82 -16.95 3.70
C TYR A 292 10.70 -16.98 2.43
N GLU A 293 10.89 -18.17 1.86
CA GLU A 293 11.67 -18.35 0.64
C GLU A 293 11.04 -17.62 -0.55
N LEU A 294 9.71 -17.54 -0.58
CA LEU A 294 9.01 -16.68 -1.52
C LEU A 294 9.42 -15.20 -1.33
N MET A 295 9.45 -14.74 -0.07
CA MET A 295 9.82 -13.34 0.22
C MET A 295 11.23 -13.08 -0.30
N LEU A 296 12.13 -14.05 -0.09
CA LEU A 296 13.53 -13.94 -0.52
C LEU A 296 13.69 -13.82 -2.04
N ARG A 297 12.85 -14.52 -2.80
CA ARG A 297 12.82 -14.40 -4.26
C ARG A 297 12.38 -12.98 -4.67
N CYS A 298 11.49 -12.36 -3.89
CA CYS A 298 11.08 -10.96 -4.12
C CYS A 298 12.25 -9.97 -3.93
N TRP A 299 13.23 -10.37 -3.12
CA TRP A 299 14.41 -9.58 -2.85
C TRP A 299 15.67 -10.03 -3.61
N SER A 300 15.50 -10.82 -4.67
CA SER A 300 16.60 -11.19 -5.57
C SER A 300 17.33 -9.93 -6.03
N ARG A 301 18.66 -9.99 -6.07
CA ARG A 301 19.46 -8.87 -6.58
C ARG A 301 19.03 -8.46 -7.99
N GLU A 302 18.91 -9.46 -8.88
CA GLU A 302 18.57 -9.23 -10.29
C GLU A 302 17.07 -9.09 -10.42
N SER A 303 16.65 -7.96 -10.97
CA SER A 303 15.22 -7.62 -11.07
C SER A 303 14.42 -8.68 -11.86
N GLU A 304 15.04 -9.26 -12.90
CA GLU A 304 14.46 -10.33 -13.73
C GLU A 304 14.24 -11.67 -13.02
N GLN A 305 14.99 -11.91 -11.92
CA GLN A 305 14.83 -13.11 -11.09
C GLN A 305 13.68 -13.02 -10.08
N ARG A 306 13.10 -11.83 -9.91
CA ARG A 306 11.99 -11.63 -8.97
C ARG A 306 10.71 -12.19 -9.60
N PRO A 307 9.87 -12.92 -8.82
CA PRO A 307 8.74 -13.60 -9.50
C PRO A 307 7.71 -12.56 -9.93
N PRO A 308 7.05 -12.78 -11.09
CA PRO A 308 5.93 -11.90 -11.45
C PRO A 308 4.78 -12.04 -10.45
N PHE A 309 3.91 -11.03 -10.42
CA PHE A 309 2.74 -11.03 -9.54
C PHE A 309 1.74 -12.19 -9.83
N SER A 310 1.69 -12.63 -11.09
CA SER A 310 0.88 -13.79 -11.46
C SER A 310 1.35 -15.05 -10.71
N GLN A 311 2.67 -15.23 -10.59
CA GLN A 311 3.25 -16.37 -9.88
C GLN A 311 3.11 -16.21 -8.35
N LEU A 312 3.32 -14.99 -7.87
CA LEU A 312 3.10 -14.68 -6.45
C LEU A 312 1.65 -14.96 -6.03
N HIS A 313 0.69 -14.56 -6.87
CA HIS A 313 -0.70 -14.82 -6.54
C HIS A 313 -1.01 -16.31 -6.48
N ARG A 314 -0.53 -17.06 -7.49
CA ARG A 314 -0.69 -18.50 -7.50
C ARG A 314 -0.17 -19.15 -6.23
N PHE A 315 1.02 -18.74 -5.79
CA PHE A 315 1.62 -19.34 -4.60
C PHE A 315 0.72 -19.11 -3.39
N LEU A 316 0.29 -17.86 -3.20
CA LEU A 316 -0.46 -17.46 -2.01
C LEU A 316 -1.88 -18.03 -1.95
N ALA A 317 -2.52 -18.10 -3.13
CA ALA A 317 -3.87 -18.62 -3.26
C ALA A 317 -3.93 -20.14 -3.37
N GLU A 318 -2.83 -20.79 -3.77
CA GLU A 318 -2.84 -22.26 -3.99
C GLU A 318 -1.76 -23.06 -3.25
N ASP A 319 -0.49 -22.88 -3.64
CA ASP A 319 0.63 -23.64 -3.07
C ASP A 319 0.72 -23.56 -1.55
N ALA A 320 0.59 -22.35 -1.02
CA ALA A 320 0.65 -22.06 0.41
C ALA A 320 -0.47 -22.72 1.25
N LEU A 321 -1.50 -23.26 0.58
CA LEU A 321 -2.56 -24.01 1.28
C LEU A 321 -2.15 -25.40 1.79
N ASN A 322 -1.03 -25.97 1.32
CA ASN A 322 -0.66 -27.33 1.75
C ASN A 322 0.45 -27.45 2.80
#